data_9HDY
#
_entry.id   9HDY
#
_cell.length_a   77.830
_cell.length_b   117.010
_cell.length_c   62.230
_cell.angle_alpha   90.00
_cell.angle_beta   90.00
_cell.angle_gamma   90.00
#
_symmetry.space_group_name_H-M   'C 2 2 21'
#
loop_
_entity.id
_entity.type
_entity.pdbx_description
1 polymer "Uridine 5'-monophosphate synthase"
2 non-polymer "2'-thiouridine-5'-monophosphate"
3 water water
#
_entity_poly.entity_id   1
_entity_poly.type   'polypeptide(L)'
_entity_poly.pdbx_seq_one_letter_code
;MELSFGARAELPRIHPVASKLLRLMQKKETNLCLSADVSLARELLQLADALGPSICMLKTHVDILNDFTLDVMKELITLA
K(CSS)HEFLIFEDRKFADIGNTVKKQYEGGIFKIASWADLVNAHVVPGSGVVKGLQEVGLPLHRGCLLIAEMSSTGSLA
TGDYTRAAVRMAEEHSEFVVGFISGSRVSMKPEFLHLTPGVQLEAGGDNLGQQYNSPQEVIGKRGSDIIIVGRGIISAAD
RLEAAEMYRKAAWEAYLSRLGV
;
_entity_poly.pdbx_strand_id   A
#
loop_
_chem_comp.id
_chem_comp.type
_chem_comp.name
_chem_comp.formula
A1IT3 non-polymer 2'-thiouridine-5'-monophosphate 'C9 H13 N2 O8 P S'
#
# COMPACT_ATOMS: atom_id res chain seq x y z
N MET A 1 -16.81 -6.04 18.09
CA MET A 1 -17.61 -5.97 16.88
C MET A 1 -16.76 -5.58 15.68
N GLU A 2 -15.45 -5.73 15.81
CA GLU A 2 -14.52 -5.50 14.71
C GLU A 2 -14.28 -6.81 13.97
N LEU A 3 -14.38 -6.78 12.65
CA LEU A 3 -14.26 -7.98 11.86
C LEU A 3 -12.79 -8.32 11.59
N SER A 4 -12.48 -9.60 11.59
CA SER A 4 -11.17 -10.06 11.16
C SER A 4 -10.95 -9.74 9.69
N PHE A 5 -9.68 -9.69 9.29
CA PHE A 5 -9.37 -9.55 7.88
C PHE A 5 -10.13 -10.55 7.02
N GLY A 6 -10.16 -11.80 7.44
CA GLY A 6 -10.89 -12.83 6.69
C GLY A 6 -12.36 -12.53 6.50
N ALA A 7 -13.02 -12.03 7.54
CA ALA A 7 -14.41 -11.65 7.40
C ALA A 7 -14.57 -10.42 6.51
N ARG A 8 -13.74 -9.40 6.75
CA ARG A 8 -13.73 -8.21 5.86
C ARG A 8 -13.61 -8.59 4.38
N ALA A 9 -12.93 -9.70 4.09
CA ALA A 9 -12.77 -10.08 2.69
C ALA A 9 -14.08 -10.49 2.06
N GLU A 10 -15.06 -10.87 2.87
CA GLU A 10 -16.34 -11.35 2.38
C GLU A 10 -17.41 -10.26 2.44
N LEU A 11 -17.06 -9.03 2.81
CA LEU A 11 -18.09 -8.01 2.97
C LEU A 11 -18.77 -7.76 1.63
N PRO A 12 -20.08 -7.48 1.63
CA PRO A 12 -20.80 -7.34 0.34
C PRO A 12 -20.22 -6.30 -0.60
N ARG A 13 -19.75 -5.17 -0.08
CA ARG A 13 -19.32 -4.05 -0.90
C ARG A 13 -17.82 -3.99 -1.10
N ILE A 14 -17.12 -5.10 -0.83
CA ILE A 14 -15.65 -5.13 -0.89
C ILE A 14 -15.20 -5.21 -2.34
N HIS A 15 -14.13 -4.46 -2.65
CA HIS A 15 -13.52 -4.54 -3.96
C HIS A 15 -12.78 -5.87 -4.11
N PRO A 16 -12.80 -6.48 -5.30
N PRO A 16 -12.78 -6.46 -5.30
CA PRO A 16 -12.09 -7.75 -5.48
CA PRO A 16 -12.08 -7.74 -5.48
C PRO A 16 -10.61 -7.70 -5.13
C PRO A 16 -10.61 -7.69 -5.12
N VAL A 17 -9.95 -6.57 -5.36
CA VAL A 17 -8.52 -6.45 -5.01
C VAL A 17 -8.35 -6.48 -3.50
N ALA A 18 -9.20 -5.74 -2.78
CA ALA A 18 -9.10 -5.74 -1.31
C ALA A 18 -9.41 -7.12 -0.75
N SER A 19 -10.41 -7.79 -1.30
N SER A 19 -10.40 -7.80 -1.32
CA SER A 19 -10.74 -9.14 -0.86
CA SER A 19 -10.74 -9.13 -0.84
C SER A 19 -9.54 -10.06 -0.99
C SER A 19 -9.59 -10.11 -1.02
N LYS A 20 -8.86 -10.01 -2.14
CA LYS A 20 -7.72 -10.88 -2.35
C LYS A 20 -6.61 -10.56 -1.36
N LEU A 21 -6.39 -9.27 -1.13
CA LEU A 21 -5.41 -8.83 -0.14
C LEU A 21 -5.78 -9.30 1.26
N LEU A 22 -7.04 -9.10 1.67
CA LEU A 22 -7.45 -9.46 3.02
C LEU A 22 -7.36 -10.96 3.24
N ARG A 23 -7.68 -11.77 2.22
N ARG A 23 -7.69 -11.76 2.22
CA ARG A 23 -7.60 -13.21 2.37
CA ARG A 23 -7.59 -13.21 2.38
C ARG A 23 -6.16 -13.66 2.58
C ARG A 23 -6.16 -13.66 2.60
N LEU A 24 -5.21 -13.12 1.80
CA LEU A 24 -3.82 -13.55 1.97
C LEU A 24 -3.22 -13.00 3.27
N MET A 25 -3.61 -11.79 3.68
CA MET A 25 -3.21 -11.34 5.00
C MET A 25 -3.60 -12.35 6.07
N GLN A 26 -4.86 -12.76 6.06
CA GLN A 26 -5.34 -13.74 7.04
C GLN A 26 -4.62 -15.07 6.91
N LYS A 27 -4.43 -15.54 5.69
CA LYS A 27 -3.84 -16.86 5.49
C LYS A 27 -2.38 -16.89 5.94
N LYS A 28 -1.64 -15.82 5.62
CA LYS A 28 -0.22 -15.76 5.88
C LYS A 28 0.09 -15.10 7.23
N GLU A 29 -0.90 -14.57 7.93
N GLU A 29 -0.90 -14.55 7.92
CA GLU A 29 -0.68 -13.85 9.19
CA GLU A 29 -0.67 -13.86 9.20
C GLU A 29 0.37 -12.76 9.00
C GLU A 29 0.35 -12.74 9.02
N THR A 30 0.14 -11.92 8.00
CA THR A 30 1.00 -10.76 7.77
C THR A 30 0.17 -9.58 7.31
N ASN A 31 0.30 -8.47 8.03
CA ASN A 31 -0.19 -7.16 7.60
C ASN A 31 0.97 -6.16 7.42
N LEU A 32 2.07 -6.64 6.88
CA LEU A 32 3.26 -5.86 6.64
C LEU A 32 3.45 -5.62 5.15
N CYS A 33 3.71 -4.37 4.77
CA CYS A 33 4.03 -4.00 3.39
C CYS A 33 5.48 -3.52 3.35
N LEU A 34 6.27 -4.15 2.49
CA LEU A 34 7.69 -3.82 2.41
C LEU A 34 7.82 -2.69 1.41
N SER A 35 8.47 -1.61 1.83
CA SER A 35 8.75 -0.49 0.94
C SER A 35 10.12 -0.75 0.34
N ALA A 36 10.15 -1.31 -0.87
CA ALA A 36 11.40 -1.78 -1.47
C ALA A 36 12.09 -0.64 -2.23
N ASP A 37 12.66 0.28 -1.44
CA ASP A 37 13.19 1.51 -2.01
C ASP A 37 14.66 1.28 -2.34
N VAL A 38 14.91 0.62 -3.47
CA VAL A 38 16.24 0.22 -3.90
C VAL A 38 16.37 0.59 -5.37
N SER A 39 17.60 0.75 -5.81
N SER A 39 17.61 0.76 -5.80
CA SER A 39 17.90 1.24 -7.13
CA SER A 39 17.90 1.25 -7.14
C SER A 39 18.32 0.16 -8.11
C SER A 39 18.23 0.14 -8.12
N LEU A 40 18.45 -1.09 -7.66
CA LEU A 40 18.95 -2.17 -8.49
C LEU A 40 17.96 -3.31 -8.52
N ALA A 41 17.60 -3.73 -9.75
CA ALA A 41 16.61 -4.78 -9.92
C ALA A 41 16.99 -6.06 -9.20
N ARG A 42 18.27 -6.41 -9.19
CA ARG A 42 18.68 -7.64 -8.52
C ARG A 42 18.36 -7.57 -7.04
N GLU A 43 18.58 -6.42 -6.40
CA GLU A 43 18.26 -6.31 -4.99
C GLU A 43 16.76 -6.31 -4.76
N LEU A 44 16.00 -5.66 -5.66
CA LEU A 44 14.54 -5.68 -5.57
C LEU A 44 14.00 -7.11 -5.66
N LEU A 45 14.53 -7.89 -6.58
CA LEU A 45 14.02 -9.25 -6.79
C LEU A 45 14.52 -10.20 -5.70
N GLN A 46 15.74 -9.98 -5.18
CA GLN A 46 16.22 -10.80 -4.06
C GLN A 46 15.45 -10.49 -2.78
N LEU A 47 15.08 -9.22 -2.57
CA LEU A 47 14.24 -8.91 -1.41
C LEU A 47 12.84 -9.50 -1.61
N ALA A 48 12.27 -9.35 -2.80
CA ALA A 48 10.92 -9.86 -2.99
C ALA A 48 10.84 -11.36 -2.77
N ASP A 49 11.85 -12.11 -3.23
CA ASP A 49 11.84 -13.57 -3.10
C ASP A 49 12.07 -14.01 -1.65
N ALA A 50 13.03 -13.38 -0.95
CA ALA A 50 13.33 -13.81 0.41
C ALA A 50 12.28 -13.36 1.42
N LEU A 51 11.75 -12.15 1.27
CA LEU A 51 10.78 -11.62 2.22
C LEU A 51 9.35 -11.85 1.77
N GLY A 52 9.14 -12.42 0.58
CA GLY A 52 7.81 -12.63 0.05
C GLY A 52 6.88 -13.32 1.02
N PRO A 53 7.32 -14.42 1.62
CA PRO A 53 6.48 -15.11 2.59
C PRO A 53 6.08 -14.30 3.79
N SER A 54 6.84 -13.25 4.14
CA SER A 54 6.59 -12.48 5.33
C SER A 54 5.73 -11.26 5.08
N ILE A 55 5.37 -10.97 3.84
CA ILE A 55 4.72 -9.72 3.47
C ILE A 55 3.36 -9.98 2.80
N CYS A 56 2.43 -9.02 3.03
CA CYS A 56 1.18 -9.02 2.28
C CYS A 56 1.27 -8.16 1.03
N MET A 57 2.33 -7.36 0.88
CA MET A 57 2.39 -6.37 -0.19
C MET A 57 3.82 -5.91 -0.36
N LEU A 58 4.19 -5.64 -1.61
CA LEU A 58 5.47 -4.98 -1.91
C LEU A 58 5.19 -3.65 -2.58
N LYS A 59 5.66 -2.56 -1.95
CA LYS A 59 5.46 -1.21 -2.45
C LYS A 59 6.70 -0.80 -3.21
N THR A 60 6.51 -0.40 -4.47
CA THR A 60 7.60 -0.05 -5.36
C THR A 60 7.62 1.45 -5.67
N HIS A 61 8.81 1.91 -6.05
CA HIS A 61 9.03 3.19 -6.69
C HIS A 61 9.81 2.83 -7.97
N VAL A 62 9.12 2.46 -9.03
N VAL A 62 9.08 2.49 -9.01
CA VAL A 62 9.85 1.99 -10.20
CA VAL A 62 9.67 2.05 -10.27
C VAL A 62 10.64 3.12 -10.86
C VAL A 62 10.61 3.12 -10.82
N ASP A 63 10.31 4.38 -10.57
CA ASP A 63 11.05 5.48 -11.15
C ASP A 63 12.36 5.78 -10.42
N ILE A 64 12.80 4.96 -9.47
CA ILE A 64 14.17 5.01 -8.95
C ILE A 64 14.99 3.82 -9.39
N LEU A 65 14.41 2.84 -10.06
N LEU A 65 14.41 2.85 -10.10
CA LEU A 65 15.18 1.68 -10.51
CA LEU A 65 15.17 1.67 -10.51
C LEU A 65 16.08 2.10 -11.66
C LEU A 65 16.07 2.03 -11.68
N ASN A 66 17.39 1.91 -11.47
CA ASN A 66 18.34 2.34 -12.50
C ASN A 66 18.28 1.46 -13.74
N ASP A 67 17.93 0.18 -13.58
CA ASP A 67 17.90 -0.79 -14.66
C ASP A 67 16.48 -1.33 -14.86
N PHE A 68 15.48 -0.47 -14.72
CA PHE A 68 14.11 -0.90 -14.98
C PHE A 68 13.99 -1.46 -16.39
N THR A 69 13.28 -2.60 -16.50
CA THR A 69 12.73 -3.06 -17.75
C THR A 69 11.40 -3.73 -17.41
N LEU A 70 10.59 -3.99 -18.43
CA LEU A 70 9.34 -4.71 -18.20
C LEU A 70 9.61 -6.16 -17.80
N ASP A 71 10.73 -6.73 -18.25
N ASP A 71 10.73 -6.73 -18.25
CA ASP A 71 11.08 -8.08 -17.83
CA ASP A 71 11.08 -8.08 -17.83
C ASP A 71 11.36 -8.15 -16.32
C ASP A 71 11.33 -8.15 -16.32
N VAL A 72 11.84 -7.06 -15.74
CA VAL A 72 12.02 -7.03 -14.29
C VAL A 72 10.68 -7.12 -13.61
N MET A 73 9.67 -6.45 -14.14
N MET A 73 9.68 -6.42 -14.13
CA MET A 73 8.35 -6.52 -13.51
CA MET A 73 8.33 -6.50 -13.55
C MET A 73 7.69 -7.86 -13.77
C MET A 73 7.77 -7.90 -13.74
N LYS A 74 8.03 -8.52 -14.89
CA LYS A 74 7.54 -9.89 -15.10
C LYS A 74 8.08 -10.81 -14.01
N GLU A 75 9.38 -10.75 -13.76
N GLU A 75 9.37 -10.76 -13.74
CA GLU A 75 9.96 -11.58 -12.70
CA GLU A 75 9.94 -11.60 -12.69
C GLU A 75 9.40 -11.21 -11.32
C GLU A 75 9.38 -11.22 -11.32
N LEU A 76 9.06 -9.94 -11.12
CA LEU A 76 8.46 -9.55 -9.85
C LEU A 76 7.07 -10.11 -9.72
N ILE A 77 6.32 -10.17 -10.83
CA ILE A 77 4.97 -10.75 -10.78
C ILE A 77 5.05 -12.23 -10.49
N THR A 78 6.05 -12.92 -11.06
CA THR A 78 6.23 -14.33 -10.78
C THR A 78 6.42 -14.57 -9.29
N LEU A 79 7.14 -13.64 -8.61
CA LEU A 79 7.37 -13.78 -7.16
C LEU A 79 6.15 -13.41 -6.34
N ALA A 80 5.43 -12.37 -6.74
CA ALA A 80 4.18 -12.00 -6.09
C ALA A 80 3.18 -13.14 -6.15
N LYS A 81 3.09 -13.84 -7.27
CA LYS A 81 2.19 -14.97 -7.42
C LYS A 81 2.66 -16.14 -6.58
N CSS A 82 3.96 -16.46 -6.65
CA CSS A 82 4.51 -17.58 -5.94
CB CSS A 82 6.01 -17.78 -6.20
SG CSS A 82 6.87 -18.98 -5.19
SD CSS A 82 6.28 -20.80 -6.12
C CSS A 82 4.33 -17.45 -4.44
O CSS A 82 3.91 -18.35 -3.70
H CSS A 82 4.64 -15.98 -7.21
HA CSS A 82 3.91 -18.50 -6.23
HB2 CSS A 82 6.51 -16.78 -6.06
HB3 CSS A 82 6.13 -18.08 -7.26
HD CSS A 82 6.79 -21.66 -5.26
N HIS A 83 4.65 -16.26 -3.94
CA HIS A 83 4.67 -16.04 -2.48
C HIS A 83 3.38 -15.43 -1.97
N GLU A 84 2.51 -14.99 -2.90
CA GLU A 84 1.21 -14.42 -2.58
C GLU A 84 1.31 -13.09 -1.86
N PHE A 85 1.66 -12.03 -2.59
CA PHE A 85 1.56 -10.66 -2.12
C PHE A 85 1.12 -9.78 -3.29
N LEU A 86 0.59 -8.61 -2.97
N LEU A 86 0.59 -8.61 -2.96
CA LEU A 86 0.22 -7.64 -3.98
CA LEU A 86 0.22 -7.62 -3.96
C LEU A 86 1.40 -6.69 -4.24
C LEU A 86 1.41 -6.70 -4.24
N ILE A 87 1.40 -6.12 -5.44
CA ILE A 87 2.40 -5.14 -5.85
C ILE A 87 1.71 -3.78 -5.90
N PHE A 88 2.29 -2.79 -5.21
CA PHE A 88 1.77 -1.45 -5.03
C PHE A 88 2.79 -0.45 -5.54
N GLU A 89 2.52 0.17 -6.68
CA GLU A 89 3.41 1.21 -7.19
C GLU A 89 3.02 2.52 -6.53
N ASP A 90 3.92 3.05 -5.74
CA ASP A 90 3.70 4.27 -4.94
C ASP A 90 4.00 5.53 -5.79
N ARG A 91 3.21 5.73 -6.86
CA ARG A 91 3.47 6.78 -7.82
C ARG A 91 2.90 8.12 -7.37
N LYS A 92 1.90 8.13 -6.48
CA LYS A 92 1.30 9.39 -6.00
C LYS A 92 0.82 10.27 -7.16
N PHE A 93 -0.03 9.68 -7.99
CA PHE A 93 -0.63 10.45 -9.09
C PHE A 93 -1.25 11.70 -8.52
N ALA A 94 -1.06 12.84 -9.19
CA ALA A 94 -1.54 14.08 -8.61
C ALA A 94 -1.69 15.16 -9.67
N ASP A 95 -1.98 14.74 -10.90
CA ASP A 95 -2.14 15.62 -12.03
C ASP A 95 -3.60 15.66 -12.41
N ILE A 96 -3.90 16.49 -13.43
CA ILE A 96 -5.29 16.51 -13.94
C ILE A 96 -5.65 15.12 -14.48
N GLY A 97 -6.95 14.85 -14.53
CA GLY A 97 -7.43 13.53 -14.94
C GLY A 97 -6.93 13.11 -16.31
N ASN A 98 -6.96 14.02 -17.27
CA ASN A 98 -6.55 13.66 -18.63
C ASN A 98 -5.08 13.18 -18.66
N THR A 99 -4.23 13.79 -17.84
CA THR A 99 -2.82 13.46 -17.87
C THR A 99 -2.55 12.12 -17.20
N VAL A 100 -3.16 11.86 -16.04
CA VAL A 100 -2.88 10.66 -15.29
C VAL A 100 -3.25 9.40 -16.06
N LYS A 101 -4.25 9.48 -16.94
CA LYS A 101 -4.63 8.31 -17.74
C LYS A 101 -3.41 7.74 -18.45
N LYS A 102 -2.65 8.61 -19.15
CA LYS A 102 -1.52 8.16 -19.94
C LYS A 102 -0.34 7.78 -19.06
N GLN A 103 -0.17 8.47 -17.93
CA GLN A 103 0.91 8.10 -17.02
C GLN A 103 0.70 6.72 -16.43
N TYR A 104 -0.57 6.35 -16.17
CA TYR A 104 -0.88 5.08 -15.52
C TYR A 104 -0.77 3.94 -16.52
N GLU A 105 -1.28 4.15 -17.72
CA GLU A 105 -1.32 3.12 -18.76
C GLU A 105 -0.04 3.05 -19.58
N GLY A 106 0.54 4.19 -19.97
CA GLY A 106 1.56 4.21 -20.98
C GLY A 106 2.98 4.50 -20.53
N GLY A 107 3.71 5.22 -21.36
CA GLY A 107 5.09 5.52 -21.09
C GLY A 107 5.91 4.24 -21.06
N ILE A 108 7.13 4.39 -20.57
N ILE A 108 7.13 4.39 -20.57
CA ILE A 108 8.03 3.24 -20.47
CA ILE A 108 8.03 3.24 -20.50
C ILE A 108 7.56 2.27 -19.42
C ILE A 108 7.66 2.30 -19.35
N PHE A 109 6.91 2.76 -18.35
CA PHE A 109 6.67 1.90 -17.19
C PHE A 109 5.43 1.02 -17.30
N LYS A 110 4.42 1.44 -18.05
CA LYS A 110 3.16 0.73 -18.17
C LYS A 110 2.67 0.21 -16.83
N ILE A 111 2.51 1.13 -15.90
CA ILE A 111 2.25 0.79 -14.51
C ILE A 111 1.03 -0.10 -14.41
N ALA A 112 -0.05 0.26 -15.11
CA ALA A 112 -1.31 -0.47 -14.95
C ALA A 112 -1.16 -1.93 -15.34
N SER A 113 -0.12 -2.28 -16.09
N SER A 113 -0.12 -2.29 -16.10
CA SER A 113 0.07 -3.64 -16.57
CA SER A 113 0.03 -3.66 -16.56
C SER A 113 0.54 -4.60 -15.48
C SER A 113 0.58 -4.61 -15.50
N TRP A 114 1.25 -4.08 -14.48
CA TRP A 114 1.82 -4.93 -13.43
C TRP A 114 1.45 -4.52 -12.00
N ALA A 115 0.88 -3.33 -11.78
CA ALA A 115 0.59 -2.87 -10.43
C ALA A 115 -0.83 -3.24 -10.02
N ASP A 116 -0.95 -4.10 -9.00
CA ASP A 116 -2.27 -4.36 -8.42
C ASP A 116 -2.90 -3.09 -7.87
N LEU A 117 -2.09 -2.27 -7.22
CA LEU A 117 -2.52 -1.06 -6.56
C LEU A 117 -1.61 0.10 -6.97
N VAL A 118 -2.21 1.27 -7.13
CA VAL A 118 -1.48 2.53 -7.18
C VAL A 118 -2.10 3.45 -6.14
N ASN A 119 -1.50 4.60 -5.94
CA ASN A 119 -2.06 5.61 -5.02
C ASN A 119 -2.11 6.95 -5.73
N ALA A 120 -2.87 7.86 -5.12
CA ALA A 120 -3.09 9.18 -5.75
C ALA A 120 -3.32 10.22 -4.66
N HIS A 121 -2.82 11.44 -4.87
CA HIS A 121 -3.14 12.57 -4.02
C HIS A 121 -4.50 13.13 -4.43
N VAL A 122 -5.21 13.73 -3.48
CA VAL A 122 -6.55 14.23 -3.74
C VAL A 122 -6.58 15.74 -3.99
N VAL A 123 -5.42 16.39 -3.97
N VAL A 123 -5.41 16.40 -3.90
CA VAL A 123 -5.39 17.84 -4.12
CA VAL A 123 -5.36 17.85 -4.13
C VAL A 123 -5.97 18.34 -5.44
C VAL A 123 -6.09 18.24 -5.40
N PRO A 124 -5.88 17.61 -6.56
CA PRO A 124 -6.43 18.14 -7.80
C PRO A 124 -7.95 18.05 -7.90
N GLY A 125 -8.61 17.40 -6.94
CA GLY A 125 -10.03 17.12 -7.06
C GLY A 125 -10.24 15.72 -7.59
N SER A 126 -11.52 15.33 -7.69
CA SER A 126 -11.87 13.96 -8.02
C SER A 126 -11.48 13.56 -9.44
N GLY A 127 -11.10 14.53 -10.28
CA GLY A 127 -10.65 14.21 -11.63
C GLY A 127 -9.45 13.31 -11.68
N VAL A 128 -8.62 13.30 -10.64
CA VAL A 128 -7.46 12.43 -10.62
C VAL A 128 -7.92 10.98 -10.50
N VAL A 129 -8.94 10.74 -9.66
CA VAL A 129 -9.51 9.39 -9.54
C VAL A 129 -10.22 8.99 -10.83
N LYS A 130 -11.04 9.88 -11.36
N LYS A 130 -11.05 9.89 -11.36
CA LYS A 130 -11.79 9.56 -12.57
CA LYS A 130 -11.79 9.56 -12.57
C LYS A 130 -10.86 9.22 -13.72
C LYS A 130 -10.86 9.22 -13.72
N GLY A 131 -9.75 9.95 -13.85
CA GLY A 131 -8.80 9.64 -14.90
C GLY A 131 -8.17 8.28 -14.73
N LEU A 132 -7.70 7.96 -13.53
CA LEU A 132 -7.07 6.66 -13.30
C LEU A 132 -8.08 5.53 -13.48
N GLN A 133 -9.35 5.77 -13.09
CA GLN A 133 -10.34 4.71 -13.14
C GLN A 133 -10.60 4.28 -14.59
N GLU A 134 -10.47 5.20 -15.54
CA GLU A 134 -10.70 4.87 -16.94
C GLU A 134 -9.74 3.81 -17.45
N VAL A 135 -8.53 3.77 -16.90
CA VAL A 135 -7.59 2.70 -17.19
C VAL A 135 -7.74 1.55 -16.19
N GLY A 136 -7.83 1.86 -14.90
CA GLY A 136 -7.72 0.82 -13.89
C GLY A 136 -8.92 -0.08 -13.82
N LEU A 137 -10.13 0.49 -13.92
CA LEU A 137 -11.32 -0.34 -13.75
C LEU A 137 -11.34 -1.46 -14.78
N PRO A 138 -11.15 -1.21 -16.08
CA PRO A 138 -11.13 -2.33 -17.04
C PRO A 138 -10.06 -3.36 -16.77
N LEU A 139 -8.98 -2.99 -16.10
CA LEU A 139 -7.91 -3.91 -15.75
C LEU A 139 -8.09 -4.54 -14.36
N HIS A 140 -9.21 -4.27 -13.68
CA HIS A 140 -9.46 -4.84 -12.35
C HIS A 140 -8.41 -4.43 -11.32
N ARG A 141 -8.00 -3.17 -11.37
CA ARG A 141 -7.01 -2.67 -10.43
C ARG A 141 -7.69 -1.89 -9.32
N GLY A 142 -6.89 -1.57 -8.28
CA GLY A 142 -7.37 -0.74 -7.19
C GLY A 142 -6.46 0.46 -6.98
N CYS A 143 -7.02 1.46 -6.30
CA CYS A 143 -6.33 2.71 -6.02
C CYS A 143 -6.47 3.05 -4.55
N LEU A 144 -5.42 3.62 -3.97
CA LEU A 144 -5.44 4.15 -2.61
C LEU A 144 -5.33 5.67 -2.65
N LEU A 145 -6.13 6.35 -1.84
CA LEU A 145 -6.08 7.81 -1.76
C LEU A 145 -5.30 8.26 -0.53
N ILE A 146 -4.49 9.31 -0.70
CA ILE A 146 -3.58 9.77 0.34
C ILE A 146 -4.36 10.75 1.21
N ALA A 147 -4.81 10.27 2.35
CA ALA A 147 -5.68 11.03 3.25
C ALA A 147 -4.92 11.74 4.33
N GLU A 148 -3.74 11.23 4.67
CA GLU A 148 -2.82 11.87 5.61
C GLU A 148 -1.41 11.49 5.21
N MET A 149 -0.45 12.28 5.64
CA MET A 149 0.96 11.97 5.41
C MET A 149 1.74 12.03 6.72
N SER A 150 2.82 11.25 6.75
CA SER A 150 3.64 11.08 7.93
C SER A 150 4.76 12.13 8.04
N SER A 151 4.93 12.98 7.03
CA SER A 151 6.05 13.90 6.97
C SER A 151 5.73 15.21 7.69
N THR A 152 6.78 15.82 8.23
CA THR A 152 6.63 17.05 8.99
C THR A 152 6.12 18.18 8.10
N GLY A 153 5.12 18.92 8.61
CA GLY A 153 4.53 20.01 7.87
C GLY A 153 3.37 19.61 6.98
N SER A 154 2.98 18.33 6.99
CA SER A 154 1.92 17.85 6.10
C SER A 154 0.70 18.76 6.17
N LEU A 155 0.10 19.03 4.99
CA LEU A 155 -1.13 19.79 4.88
C LEU A 155 -2.34 18.89 4.73
N ALA A 156 -2.17 17.58 4.84
CA ALA A 156 -3.27 16.63 4.62
C ALA A 156 -3.92 16.35 5.96
N THR A 157 -4.62 17.36 6.45
CA THR A 157 -5.24 17.32 7.75
C THR A 157 -6.60 18.00 7.69
N GLY A 158 -7.43 17.72 8.70
CA GLY A 158 -8.70 18.42 8.83
C GLY A 158 -9.60 18.17 7.62
N ASP A 159 -10.03 19.26 6.97
CA ASP A 159 -10.98 19.17 5.86
C ASP A 159 -10.37 18.50 4.63
N TYR A 160 -9.05 18.53 4.50
CA TYR A 160 -8.39 17.83 3.39
C TYR A 160 -8.53 16.31 3.54
N THR A 161 -8.26 15.81 4.74
CA THR A 161 -8.48 14.39 5.01
C THR A 161 -9.93 14.00 4.77
N ARG A 162 -10.87 14.82 5.24
CA ARG A 162 -12.29 14.53 5.03
C ARG A 162 -12.65 14.50 3.55
N ALA A 163 -12.09 15.41 2.76
CA ALA A 163 -12.31 15.39 1.31
C ALA A 163 -11.81 14.09 0.71
N ALA A 164 -10.69 13.56 1.20
CA ALA A 164 -10.17 12.31 0.65
C ALA A 164 -11.10 11.14 0.98
N VAL A 165 -11.68 11.13 2.18
CA VAL A 165 -12.58 10.05 2.56
C VAL A 165 -13.83 10.10 1.71
N ARG A 166 -14.43 11.29 1.59
CA ARG A 166 -15.61 11.41 0.75
C ARG A 166 -15.33 10.96 -0.68
N MET A 167 -14.19 11.39 -1.21
CA MET A 167 -13.80 11.01 -2.56
C MET A 167 -13.74 9.49 -2.69
N ALA A 168 -13.17 8.82 -1.69
CA ALA A 168 -13.09 7.36 -1.72
C ALA A 168 -14.46 6.72 -1.71
N GLU A 169 -15.33 7.18 -0.79
N GLU A 169 -15.35 7.21 -0.84
CA GLU A 169 -16.68 6.63 -0.72
CA GLU A 169 -16.68 6.61 -0.70
C GLU A 169 -17.37 6.71 -2.08
C GLU A 169 -17.59 6.87 -1.90
N GLU A 170 -17.27 7.86 -2.74
CA GLU A 170 -17.98 8.11 -3.98
C GLU A 170 -17.36 7.41 -5.18
N HIS A 171 -16.22 6.75 -5.02
CA HIS A 171 -15.53 6.03 -6.09
C HIS A 171 -15.13 4.63 -5.64
N SER A 172 -16.01 3.96 -4.87
CA SER A 172 -15.65 2.68 -4.25
C SER A 172 -15.46 1.56 -5.24
N GLU A 173 -15.89 1.71 -6.50
CA GLU A 173 -15.60 0.67 -7.47
C GLU A 173 -14.12 0.64 -7.88
N PHE A 174 -13.34 1.65 -7.50
CA PHE A 174 -11.93 1.68 -7.82
C PHE A 174 -11.06 1.96 -6.61
N VAL A 175 -11.52 2.82 -5.71
CA VAL A 175 -10.74 3.20 -4.53
C VAL A 175 -11.01 2.17 -3.44
N VAL A 176 -9.96 1.52 -2.97
CA VAL A 176 -10.03 0.41 -2.04
C VAL A 176 -9.53 0.77 -0.65
N GLY A 177 -9.09 2.01 -0.43
CA GLY A 177 -8.59 2.35 0.90
C GLY A 177 -7.69 3.57 0.82
N PHE A 178 -6.89 3.73 1.87
CA PHE A 178 -6.16 4.97 2.09
C PHE A 178 -4.74 4.74 2.49
N ILE A 179 -3.92 5.73 2.19
CA ILE A 179 -2.66 5.97 2.91
C ILE A 179 -3.00 6.98 3.98
N SER A 180 -2.81 6.62 5.26
CA SER A 180 -3.16 7.51 6.36
C SER A 180 -2.31 7.07 7.54
N GLY A 181 -2.35 7.87 8.58
CA GLY A 181 -1.65 7.55 9.81
C GLY A 181 -2.52 6.86 10.80
N SER A 182 -3.80 6.71 10.49
N SER A 182 -3.81 6.74 10.51
CA SER A 182 -4.78 6.14 11.42
CA SER A 182 -4.78 6.17 11.43
C SER A 182 -6.01 5.74 10.62
C SER A 182 -6.04 5.82 10.63
N ARG A 183 -6.95 5.11 11.29
CA ARG A 183 -8.25 4.84 10.71
C ARG A 183 -8.96 6.16 10.42
N VAL A 184 -9.27 6.43 9.15
CA VAL A 184 -9.96 7.66 8.78
C VAL A 184 -11.37 7.42 8.26
N SER A 185 -11.73 6.17 7.92
CA SER A 185 -13.08 5.81 7.53
C SER A 185 -13.62 4.72 8.44
N MET A 186 -14.90 4.82 8.78
N MET A 186 -14.89 4.82 8.80
CA MET A 186 -15.57 3.83 9.61
CA MET A 186 -15.55 3.82 9.61
C MET A 186 -16.10 2.66 8.79
C MET A 186 -16.11 2.66 8.80
N LYS A 187 -15.86 2.61 7.49
CA LYS A 187 -16.38 1.55 6.66
C LYS A 187 -15.35 0.43 6.56
N PRO A 188 -15.67 -0.78 7.04
CA PRO A 188 -14.64 -1.84 7.09
C PRO A 188 -14.18 -2.31 5.71
N GLU A 189 -14.92 -1.94 4.66
N GLU A 189 -14.91 -1.95 4.65
CA GLU A 189 -14.51 -2.29 3.30
CA GLU A 189 -14.49 -2.36 3.32
C GLU A 189 -13.22 -1.59 2.86
C GLU A 189 -13.30 -1.57 2.78
N PHE A 190 -12.83 -0.50 3.51
N PHE A 190 -12.85 -0.53 3.48
CA PHE A 190 -11.67 0.28 3.07
CA PHE A 190 -11.67 0.23 3.09
C PHE A 190 -10.44 -0.07 3.90
C PHE A 190 -10.46 -0.24 3.89
N LEU A 191 -9.31 -0.29 3.22
CA LEU A 191 -8.05 -0.61 3.86
C LEU A 191 -7.34 0.65 4.28
N HIS A 192 -6.61 0.55 5.38
CA HIS A 192 -5.80 1.67 5.88
C HIS A 192 -4.36 1.19 5.91
N LEU A 193 -3.49 1.86 5.16
CA LEU A 193 -2.06 1.57 5.15
C LEU A 193 -1.30 2.78 5.69
N THR A 194 -0.34 2.51 6.56
CA THR A 194 0.31 3.59 7.28
C THR A 194 1.81 3.49 7.04
N PRO A 195 2.43 4.48 6.37
CA PRO A 195 3.90 4.55 6.35
C PRO A 195 4.45 5.33 7.50
N GLY A 196 5.78 5.56 7.51
CA GLY A 196 6.42 6.21 8.62
C GLY A 196 6.40 5.33 9.85
N VAL A 197 6.84 4.09 9.71
CA VAL A 197 6.76 3.10 10.77
C VAL A 197 8.16 2.55 11.02
N GLN A 198 8.53 2.48 12.29
CA GLN A 198 9.79 1.87 12.74
C GLN A 198 9.61 1.40 14.19
N LEU A 199 10.34 0.35 14.56
CA LEU A 199 10.23 -0.15 15.93
C LEU A 199 10.71 0.89 16.94
N GLU A 200 11.76 1.61 16.60
CA GLU A 200 12.34 2.63 17.47
C GLU A 200 11.84 4.01 17.07
N ALA A 201 11.87 4.92 18.04
CA ALA A 201 11.40 6.28 17.76
C ALA A 201 12.43 7.06 16.95
N GLY A 202 11.96 8.11 16.29
CA GLY A 202 12.85 8.99 15.55
C GLY A 202 12.29 9.44 14.22
N GLY A 203 13.19 9.75 13.28
CA GLY A 203 12.79 10.18 11.95
C GLY A 203 14.00 10.15 11.03
N ASP A 204 13.95 10.95 9.95
CA ASP A 204 15.16 11.21 9.15
C ASP A 204 15.41 12.73 9.09
N ASN A 205 16.41 13.11 8.29
CA ASN A 205 16.78 14.53 8.15
C ASN A 205 16.02 15.23 7.03
N LEU A 206 15.05 14.57 6.43
CA LEU A 206 14.30 15.12 5.30
C LEU A 206 12.80 15.08 5.56
N GLY A 207 12.38 15.15 6.83
CA GLY A 207 10.99 15.34 7.18
C GLY A 207 10.22 14.09 7.58
N GLN A 208 10.80 12.91 7.49
CA GLN A 208 10.09 11.68 7.86
C GLN A 208 9.99 11.58 9.37
N GLN A 209 8.82 11.13 9.84
CA GLN A 209 8.57 10.92 11.26
C GLN A 209 8.02 9.50 11.45
N TYR A 210 8.53 8.79 12.47
CA TYR A 210 8.22 7.39 12.65
C TYR A 210 7.36 7.15 13.88
N ASN A 211 6.50 6.14 13.78
CA ASN A 211 5.73 5.61 14.91
C ASN A 211 5.81 4.09 14.86
N SER A 212 5.52 3.46 15.99
CA SER A 212 5.71 2.02 16.10
C SER A 212 4.50 1.23 15.56
N PRO A 213 4.73 -0.02 15.17
CA PRO A 213 3.61 -0.86 14.76
C PRO A 213 2.47 -0.94 15.75
N GLN A 214 2.80 -1.13 17.04
CA GLN A 214 1.78 -1.25 18.06
C GLN A 214 0.93 0.03 18.15
N GLU A 215 1.57 1.19 17.97
CA GLU A 215 0.82 2.44 18.01
C GLU A 215 -0.10 2.58 16.78
N VAL A 216 0.43 2.29 15.59
N VAL A 216 0.43 2.30 15.60
CA VAL A 216 -0.33 2.59 14.38
CA VAL A 216 -0.29 2.55 14.37
C VAL A 216 -1.41 1.53 14.14
C VAL A 216 -1.42 1.55 14.21
N ILE A 217 -1.14 0.28 14.48
CA ILE A 217 -2.13 -0.77 14.30
C ILE A 217 -3.02 -0.88 15.53
N GLY A 218 -2.42 -0.95 16.71
CA GLY A 218 -3.17 -1.19 17.93
C GLY A 218 -3.96 -0.01 18.44
N LYS A 219 -3.36 1.18 18.47
CA LYS A 219 -4.04 2.33 19.03
C LYS A 219 -4.76 3.17 17.98
N ARG A 220 -4.16 3.36 16.81
CA ARG A 220 -4.68 4.24 15.78
C ARG A 220 -5.52 3.52 14.72
N GLY A 221 -5.61 2.19 14.78
CA GLY A 221 -6.59 1.44 14.05
C GLY A 221 -6.31 1.21 12.59
N SER A 222 -5.06 1.31 12.17
N SER A 222 -5.05 1.32 12.17
CA SER A 222 -4.73 1.03 10.78
CA SER A 222 -4.69 1.02 10.80
C SER A 222 -4.62 -0.48 10.57
C SER A 222 -4.67 -0.48 10.57
N ASP A 223 -4.60 -0.87 9.30
CA ASP A 223 -4.60 -2.28 8.93
C ASP A 223 -3.22 -2.82 8.60
N ILE A 224 -2.38 -2.01 7.96
CA ILE A 224 -1.15 -2.47 7.37
C ILE A 224 -0.07 -1.41 7.65
N ILE A 225 1.12 -1.86 8.02
CA ILE A 225 2.28 -0.99 8.18
C ILE A 225 3.15 -1.03 6.94
N ILE A 226 3.61 0.13 6.47
CA ILE A 226 4.51 0.23 5.31
C ILE A 226 5.88 0.57 5.87
N VAL A 227 6.83 -0.33 5.70
CA VAL A 227 8.15 -0.21 6.30
C VAL A 227 9.21 -0.31 5.25
N GLY A 228 10.09 0.69 5.20
CA GLY A 228 11.23 0.74 4.28
C GLY A 228 12.56 0.62 5.00
N ARG A 229 13.16 1.75 5.40
CA ARG A 229 14.52 1.69 5.92
C ARG A 229 14.68 0.82 7.15
N GLY A 230 13.65 0.73 7.99
CA GLY A 230 13.75 -0.13 9.17
C GLY A 230 14.04 -1.57 8.83
N ILE A 231 13.65 -2.00 7.63
CA ILE A 231 14.01 -3.31 7.09
C ILE A 231 15.20 -3.21 6.16
N ILE A 232 15.14 -2.33 5.14
CA ILE A 232 16.11 -2.36 4.04
C ILE A 232 17.53 -2.03 4.52
N SER A 233 17.69 -1.16 5.52
CA SER A 233 19.01 -0.81 6.01
C SER A 233 19.54 -1.80 7.03
N ALA A 234 18.71 -2.73 7.51
CA ALA A 234 19.21 -3.74 8.44
C ALA A 234 20.11 -4.72 7.71
N ALA A 235 21.01 -5.35 8.44
CA ALA A 235 21.89 -6.36 7.85
C ALA A 235 21.09 -7.56 7.38
N ASP A 236 20.34 -8.18 8.29
CA ASP A 236 19.48 -9.34 7.98
C ASP A 236 18.07 -8.82 7.72
N ARG A 237 17.76 -8.56 6.45
CA ARG A 237 16.45 -8.05 6.10
C ARG A 237 15.35 -9.05 6.40
N LEU A 238 15.65 -10.36 6.41
CA LEU A 238 14.58 -11.33 6.64
C LEU A 238 14.14 -11.30 8.09
N GLU A 239 15.09 -11.35 9.03
CA GLU A 239 14.73 -11.26 10.45
C GLU A 239 14.11 -9.90 10.78
N ALA A 240 14.59 -8.84 10.15
CA ALA A 240 13.95 -7.53 10.32
C ALA A 240 12.51 -7.57 9.84
N ALA A 241 12.27 -8.21 8.69
CA ALA A 241 10.92 -8.29 8.17
C ALA A 241 10.06 -9.15 9.07
N GLU A 242 10.62 -10.23 9.60
CA GLU A 242 9.84 -11.05 10.53
C GLU A 242 9.55 -10.30 11.83
N MET A 243 10.50 -9.48 12.31
N MET A 243 10.50 -9.48 12.31
CA MET A 243 10.23 -8.70 13.51
CA MET A 243 10.23 -8.69 13.51
C MET A 243 9.07 -7.73 13.29
C MET A 243 9.06 -7.74 13.29
N TYR A 244 9.06 -7.03 12.16
CA TYR A 244 7.97 -6.10 11.89
C TYR A 244 6.65 -6.83 11.68
N ARG A 245 6.70 -8.01 11.05
CA ARG A 245 5.47 -8.76 10.81
C ARG A 245 4.80 -9.14 12.12
N LYS A 246 5.58 -9.68 13.06
CA LYS A 246 5.08 -10.12 14.34
C LYS A 246 4.50 -8.95 15.14
N ALA A 247 5.21 -7.81 15.14
CA ALA A 247 4.69 -6.63 15.82
C ALA A 247 3.31 -6.23 15.27
N ALA A 248 3.19 -6.13 13.94
CA ALA A 248 1.97 -5.62 13.33
C ALA A 248 0.84 -6.64 13.45
N TRP A 249 1.17 -7.93 13.34
CA TRP A 249 0.13 -8.95 13.39
C TRP A 249 -0.40 -9.13 14.81
N GLU A 250 0.49 -9.16 15.81
N GLU A 250 0.48 -9.15 15.81
CA GLU A 250 0.01 -9.24 17.18
CA GLU A 250 0.02 -9.26 17.18
C GLU A 250 -0.82 -8.01 17.53
C GLU A 250 -0.74 -8.01 17.61
N ALA A 251 -0.36 -6.84 17.08
CA ALA A 251 -1.10 -5.62 17.38
C ALA A 251 -2.50 -5.68 16.81
N TYR A 252 -2.61 -6.23 15.60
CA TYR A 252 -3.92 -6.47 15.02
C TYR A 252 -4.72 -7.45 15.88
N LEU A 253 -4.11 -8.56 16.28
CA LEU A 253 -4.87 -9.58 17.01
C LEU A 253 -5.38 -9.03 18.34
N SER A 254 -4.57 -8.25 19.03
CA SER A 254 -4.99 -7.71 20.32
C SER A 254 -6.05 -6.63 20.15
N ARG A 255 -6.17 -6.06 18.97
CA ARG A 255 -7.24 -5.11 18.66
C ARG A 255 -8.56 -5.82 18.40
N LEU A 256 -8.51 -7.08 17.97
CA LEU A 256 -9.70 -7.83 17.63
C LEU A 256 -10.45 -8.27 18.88
N GLY A 257 -9.72 -8.64 19.93
CA GLY A 257 -10.33 -9.14 21.15
C GLY A 257 -9.71 -10.45 21.60
C4 A1IT3 B . 3.60 9.00 3.21
C5 A1IT3 B . 3.29 8.39 1.99
C6 A1IT3 B . 4.20 7.50 1.42
N1 A1IT3 B . 5.37 7.27 2.07
C2 A1IT3 B . 5.65 7.88 3.30
C1' A1IT3 B . 6.33 6.36 1.46
C2' A1IT3 B . 7.67 7.09 1.15
C3' A1IT3 B . 8.66 5.92 1.24
C4' A1IT3 B . 8.04 4.99 2.30
C5' A1IT3 B . 8.62 5.11 3.70
N3 A1IT3 B . 4.76 8.75 3.83
O1P A1IT3 B . 12.24 4.22 4.59
O2 A1IT3 B . 6.73 7.69 3.92
O2P A1IT3 B . 10.90 5.93 5.80
O3' A1IT3 B . 8.79 5.28 -0.04
O3P A1IT3 B . 10.20 3.56 5.90
O4 A1IT3 B . 2.81 9.77 3.78
O4' A1IT3 B . 6.61 5.27 2.35
O5' A1IT3 B . 10.03 4.79 3.68
P A1IT3 B . 10.89 4.61 5.06
S2' A1IT3 B . 7.63 7.93 -0.41
H5 A1IT3 B . 2.36 8.60 1.50
H6 A1IT3 B . 3.97 7.01 0.48
H1' A1IT3 B . 5.88 6.01 0.52
H2' A1IT3 B . 7.95 7.92 1.83
H3' A1IT3 B . 9.68 6.21 1.52
H4' A1IT3 B . 8.27 3.96 1.99
H5'2 A1IT3 B . 8.09 4.43 4.37
H5'1 A1IT3 B . 8.48 6.13 4.06
HN3 A1IT3 B . 4.99 9.22 4.73
HO3' A1IT3 B . 9.31 4.47 0.05
HO2' A1IT3 B . 6.83 9.00 -0.31
#